data_7LSE
#
_entry.id   7LSE
#
_cell.length_a   56.960
_cell.length_b   69.720
_cell.length_c   180.200
_cell.angle_alpha   90.000
_cell.angle_beta   90.000
_cell.angle_gamma   90.000
#
_symmetry.space_group_name_H-M   'P 2 21 21'
#
loop_
_entity.id
_entity.type
_entity.pdbx_description
1 polymer 'T025 Fab Heavy Chain'
2 polymer 'T025 Fab Light Chain'
3 polymer 'Envelope protein E'
4 non-polymer GLYCEROL
5 water water
#
loop_
_entity_poly.entity_id
_entity_poly.type
_entity_poly.pdbx_seq_one_letter_code
_entity_poly.pdbx_strand_id
1 'polypeptide(L)'
;QVQLVESGGGVVQPGRSLRLSCAASGFTFSNYGMHWVRQAPGKGLDWVAVISYDAISKSYADSVEGRFTISRDNSKNTLY
LQMNSLRAEDSAVYYCAKSPTAIDPPFDYWGQGTLVTVSSASTKGPSVFPLAPSSKSTSGGTAALGCLVKDYFPEPVTVS
WNSGALTSGVHTFPAVLQSSGLYSLSSVVTVPSSSLGTQTYICNVNHKPSNTKVDKRVEPKSCDKTHHHHHH
;
H
2 'polypeptide(L)'
;EIVMTQSPATLSVSPGERATLSCWASQSVSSNLAWYQQKPGQAPRLLIYGASTRATGIPARFSASGSGTEFTLTISSLQS
EDFAVYYCQQYNNWPPRFGQGTKVEIKRTVAAPSVFIFPPSDEQLKSGTASVVCLLNNFYPREAKVQWKVDNALQSGNSQ
ESVTEQDSKDSTYSLSSTLTLSKADYEKHKVYACEVTHQGLSSPVTKSFNRGEC
;
L
3 'polypeptide(L)'
;GLTYTMCDKTKFTWKRIPTDSGHDTVVMEVAFSGTKPCRIPVRAVAHGSPDVNVAMLMTPNPTIENNGGGFIEMQLPPGD
NIIYVGELSHQWFQKGSHHHHHHGLNDIFEAQKIEWHE
;
E
#
loop_
_chem_comp.id
_chem_comp.type
_chem_comp.name
_chem_comp.formula
GOL non-polymer GLYCEROL 'C3 H8 O3'
#
# COMPACT_ATOMS: atom_id res chain seq x y z
N GLN A 1 4.44 22.38 5.43
CA GLN A 1 4.71 20.97 5.15
C GLN A 1 3.90 20.38 3.93
N VAL A 2 4.47 19.47 3.13
CA VAL A 2 3.76 18.92 1.94
C VAL A 2 2.58 18.07 2.37
N GLN A 3 1.42 18.30 1.75
CA GLN A 3 0.19 17.60 2.12
C GLN A 3 -0.55 17.15 0.86
N LEU A 4 -1.00 15.89 0.83
CA LEU A 4 -1.79 15.35 -0.28
C LEU A 4 -3.07 14.70 0.25
N VAL A 5 -4.23 15.14 -0.21
CA VAL A 5 -5.50 14.65 0.31
C VAL A 5 -6.37 14.12 -0.82
N GLU A 6 -6.57 12.80 -0.86
CA GLU A 6 -7.35 12.13 -1.89
C GLU A 6 -8.84 12.11 -1.53
N SER A 7 -9.67 12.11 -2.58
CA SER A 7 -11.09 11.86 -2.39
C SER A 7 -11.67 11.27 -3.65
N GLY A 8 -12.92 10.82 -3.54
CA GLY A 8 -13.65 10.31 -4.67
C GLY A 8 -13.84 8.81 -4.66
N GLY A 9 -13.16 8.09 -3.77
CA GLY A 9 -13.33 6.66 -3.70
C GLY A 9 -14.69 6.28 -3.14
N GLY A 10 -15.03 5.01 -3.34
CA GLY A 10 -16.27 4.46 -2.83
C GLY A 10 -16.59 3.20 -3.59
N VAL A 11 -17.86 2.85 -3.58
CA VAL A 11 -18.35 1.69 -4.31
C VAL A 11 -18.77 2.14 -5.71
N VAL A 12 -18.38 1.37 -6.71
CA VAL A 12 -18.84 1.63 -8.07
C VAL A 12 -19.10 0.27 -8.72
N GLN A 13 -20.08 0.23 -9.63
CA GLN A 13 -20.46 -1.02 -10.25
C GLN A 13 -19.56 -1.33 -11.45
N PRO A 14 -19.33 -2.60 -11.74
CA PRO A 14 -18.46 -2.97 -12.87
C PRO A 14 -18.95 -2.36 -14.18
N GLY A 15 -18.01 -1.87 -14.97
CA GLY A 15 -18.30 -1.22 -16.23
C GLY A 15 -18.45 0.29 -16.15
N ARG A 16 -18.64 0.83 -14.95
CA ARG A 16 -18.93 2.24 -14.78
C ARG A 16 -17.65 3.02 -14.47
N SER A 17 -17.83 4.28 -14.10
CA SER A 17 -16.77 5.28 -14.04
C SER A 17 -16.64 5.86 -12.66
N LEU A 18 -15.45 6.37 -12.37
CA LEU A 18 -15.17 7.00 -11.10
C LEU A 18 -14.02 7.98 -11.27
N ARG A 19 -14.14 9.17 -10.70
CA ARG A 19 -13.06 10.14 -10.77
C ARG A 19 -12.47 10.36 -9.39
N LEU A 20 -11.19 10.05 -9.24
CA LEU A 20 -10.49 10.39 -8.02
C LEU A 20 -9.82 11.74 -8.17
N SER A 21 -9.69 12.45 -7.06
CA SER A 21 -8.91 13.68 -7.08
C SER A 21 -7.98 13.71 -5.87
N CYS A 22 -6.98 14.56 -5.97
CA CYS A 22 -5.96 14.70 -4.94
C CYS A 22 -5.64 16.19 -4.83
N ALA A 23 -6.02 16.79 -3.72
CA ALA A 23 -5.72 18.18 -3.43
C ALA A 23 -4.34 18.26 -2.80
N ALA A 24 -3.48 19.07 -3.38
CA ALA A 24 -2.10 19.23 -2.92
C ALA A 24 -1.96 20.57 -2.24
N SER A 25 -1.21 20.60 -1.13
CA SER A 25 -0.87 21.87 -0.51
C SER A 25 0.55 21.78 0.04
N GLY A 26 1.13 22.94 0.34
CA GLY A 26 2.42 22.98 0.99
C GLY A 26 3.62 22.97 0.08
N PHE A 27 3.43 23.00 -1.23
CA PHE A 27 4.54 23.09 -2.17
C PHE A 27 4.03 23.69 -3.47
N THR A 28 4.97 24.07 -4.32
CA THR A 28 4.59 24.58 -5.63
C THR A 28 4.21 23.40 -6.52
N PHE A 29 2.91 23.11 -6.52
CA PHE A 29 2.36 21.95 -7.23
C PHE A 29 2.87 21.88 -8.68
N SER A 30 2.80 23.00 -9.38
CA SER A 30 3.05 22.97 -10.83
C SER A 30 4.52 22.72 -11.17
N ASN A 31 5.42 22.65 -10.20
CA ASN A 31 6.82 22.30 -10.46
C ASN A 31 7.09 20.79 -10.44
N TYR A 32 6.15 19.94 -10.02
CA TYR A 32 6.49 18.54 -9.73
C TYR A 32 5.63 17.58 -10.53
N GLY A 33 6.26 16.49 -10.98
CA GLY A 33 5.48 15.38 -11.51
C GLY A 33 4.61 14.75 -10.44
N MET A 34 3.52 14.11 -10.87
CA MET A 34 2.58 13.50 -9.94
C MET A 34 2.18 12.12 -10.47
N HIS A 35 1.98 11.18 -9.54
CA HIS A 35 1.76 9.77 -9.87
C HIS A 35 0.55 9.25 -9.10
N TRP A 36 -0.05 8.20 -9.65
CA TRP A 36 -1.03 7.40 -8.94
C TRP A 36 -0.49 5.97 -8.81
N VAL A 37 -0.68 5.42 -7.61
CA VAL A 37 -0.28 4.09 -7.19
C VAL A 37 -1.48 3.44 -6.51
N ARG A 38 -1.59 2.13 -6.62
CA ARG A 38 -2.73 1.49 -5.99
C ARG A 38 -2.26 0.22 -5.27
N GLN A 39 -3.12 -0.27 -4.39
CA GLN A 39 -2.77 -1.41 -3.56
C GLN A 39 -4.04 -2.17 -3.24
N ALA A 40 -4.22 -3.33 -3.89
CA ALA A 40 -5.36 -4.17 -3.57
C ALA A 40 -5.21 -4.67 -2.13
N PRO A 41 -6.34 -4.94 -1.44
CA PRO A 41 -6.25 -5.34 -0.02
C PRO A 41 -5.32 -6.52 0.20
N GLY A 42 -4.32 -6.36 1.06
CA GLY A 42 -3.43 -7.46 1.39
C GLY A 42 -2.32 -7.71 0.38
N LYS A 43 -2.10 -6.81 -0.57
CA LYS A 43 -1.17 -7.05 -1.67
C LYS A 43 -0.15 -5.94 -1.75
N GLY A 44 0.73 -6.03 -2.77
CA GLY A 44 1.82 -5.08 -2.93
C GLY A 44 1.38 -3.76 -3.55
N LEU A 45 2.36 -2.86 -3.71
CA LEU A 45 2.13 -1.58 -4.38
C LEU A 45 2.20 -1.76 -5.89
N ASP A 46 1.44 -0.92 -6.58
CA ASP A 46 1.16 -1.14 -7.99
C ASP A 46 1.05 0.21 -8.68
N TRP A 47 2.08 0.57 -9.46
CA TRP A 47 2.08 1.85 -10.14
C TRP A 47 0.95 1.91 -11.15
N VAL A 48 0.25 3.04 -11.18
CA VAL A 48 -0.90 3.23 -12.06
C VAL A 48 -0.57 4.19 -13.20
N ALA A 49 -0.11 5.41 -12.88
CA ALA A 49 0.02 6.43 -13.90
C ALA A 49 0.93 7.58 -13.43
N VAL A 50 1.44 8.32 -14.41
CA VAL A 50 2.25 9.51 -14.18
C VAL A 50 1.74 10.63 -15.08
N ILE A 51 1.85 11.86 -14.56
CA ILE A 51 1.69 13.09 -15.34
C ILE A 51 2.83 14.05 -14.98
N SER A 52 3.46 14.63 -15.99
CA SER A 52 4.56 15.53 -15.73
C SER A 52 4.05 16.85 -15.10
N TYR A 53 4.99 17.62 -14.57
CA TYR A 53 4.67 18.90 -13.93
C TYR A 53 3.79 19.78 -14.80
N ASP A 54 4.02 19.78 -16.12
CA ASP A 54 3.33 20.68 -17.02
C ASP A 54 2.20 20.01 -17.81
N ALA A 55 1.84 18.77 -17.46
CA ALA A 55 0.76 17.99 -18.07
C ALA A 55 1.02 17.64 -19.52
N ILE A 56 2.22 17.91 -20.05
CA ILE A 56 2.52 17.54 -21.43
C ILE A 56 2.74 16.04 -21.57
N SER A 57 3.35 15.40 -20.58
CA SER A 57 3.71 14.00 -20.65
C SER A 57 2.84 13.18 -19.70
N LYS A 58 2.36 12.03 -20.18
CA LYS A 58 1.51 11.13 -19.42
C LYS A 58 1.92 9.69 -19.73
N SER A 59 1.80 8.82 -18.73
CA SER A 59 2.10 7.42 -18.99
C SER A 59 1.28 6.56 -18.03
N TYR A 60 0.97 5.34 -18.47
CA TYR A 60 0.02 4.48 -17.80
C TYR A 60 0.55 3.06 -17.73
N ALA A 61 0.28 2.38 -16.63
CA ALA A 61 0.51 0.95 -16.57
C ALA A 61 -0.30 0.23 -17.65
N ASP A 62 0.23 -0.89 -18.13
CA ASP A 62 -0.48 -1.69 -19.12
C ASP A 62 -1.88 -2.07 -18.63
N SER A 63 -2.01 -2.38 -17.35
CA SER A 63 -3.26 -2.90 -16.82
C SER A 63 -4.41 -1.91 -16.96
N VAL A 64 -4.12 -0.61 -17.07
CA VAL A 64 -5.15 0.41 -17.12
C VAL A 64 -5.15 1.21 -18.42
N GLU A 65 -4.19 1.03 -19.31
CA GLU A 65 -4.13 1.87 -20.50
C GLU A 65 -5.41 1.73 -21.33
N GLY A 66 -5.86 2.86 -21.88
CA GLY A 66 -7.11 2.91 -22.63
C GLY A 66 -8.35 3.05 -21.78
N ARG A 67 -8.27 2.83 -20.47
CA ARG A 67 -9.39 2.99 -19.55
C ARG A 67 -9.24 4.16 -18.60
N PHE A 68 -8.04 4.39 -18.07
CA PHE A 68 -7.77 5.48 -17.15
C PHE A 68 -7.14 6.66 -17.87
N THR A 69 -7.44 7.86 -17.37
CA THR A 69 -6.86 9.11 -17.85
C THR A 69 -6.41 9.92 -16.64
N ILE A 70 -5.11 10.27 -16.59
CA ILE A 70 -4.59 11.13 -15.53
C ILE A 70 -4.65 12.56 -16.04
N SER A 71 -4.96 13.51 -15.16
CA SER A 71 -4.86 14.92 -15.55
C SER A 71 -4.61 15.75 -14.32
N ARG A 72 -4.42 17.06 -14.52
CA ARG A 72 -4.12 17.93 -13.40
C ARG A 72 -4.57 19.35 -13.71
N ASP A 73 -4.89 20.08 -12.65
CA ASP A 73 -5.27 21.49 -12.72
C ASP A 73 -4.26 22.24 -11.86
N ASN A 74 -3.34 22.94 -12.53
CA ASN A 74 -2.25 23.56 -11.79
C ASN A 74 -2.66 24.84 -11.07
N SER A 75 -3.74 25.48 -11.51
CA SER A 75 -4.25 26.63 -10.77
C SER A 75 -5.02 26.22 -9.51
N LYS A 76 -5.64 25.04 -9.51
CA LYS A 76 -6.36 24.56 -8.34
C LYS A 76 -5.55 23.55 -7.53
N ASN A 77 -4.30 23.33 -7.91
CA ASN A 77 -3.41 22.38 -7.22
C ASN A 77 -4.08 21.02 -7.05
N THR A 78 -4.58 20.46 -8.14
CA THR A 78 -5.35 19.23 -8.03
C THR A 78 -4.91 18.23 -9.08
N LEU A 79 -4.82 16.97 -8.67
CA LEU A 79 -4.52 15.85 -9.54
C LEU A 79 -5.78 15.01 -9.71
N TYR A 80 -5.99 14.46 -10.88
CA TYR A 80 -7.19 13.68 -11.17
C TYR A 80 -6.82 12.34 -11.78
N LEU A 81 -7.63 11.34 -11.43
CA LEU A 81 -7.64 10.05 -12.14
C LEU A 81 -9.06 9.73 -12.56
N GLN A 82 -9.34 9.81 -13.86
CA GLN A 82 -10.59 9.35 -14.45
C GLN A 82 -10.47 7.86 -14.74
N MET A 83 -11.34 7.04 -14.12
CA MET A 83 -11.27 5.58 -14.25
C MET A 83 -12.54 5.11 -14.94
N ASN A 84 -12.42 4.66 -16.19
CA ASN A 84 -13.55 4.15 -16.94
C ASN A 84 -13.48 2.64 -16.99
N SER A 85 -14.62 2.05 -17.35
CA SER A 85 -14.77 0.61 -17.58
C SER A 85 -14.13 -0.19 -16.44
N LEU A 86 -14.52 0.18 -15.23
CA LEU A 86 -13.94 -0.44 -14.05
C LEU A 86 -14.29 -1.92 -13.96
N ARG A 87 -13.30 -2.72 -13.55
CA ARG A 87 -13.41 -4.15 -13.34
C ARG A 87 -13.13 -4.45 -11.88
N ALA A 88 -13.56 -5.63 -11.42
CA ALA A 88 -13.35 -6.03 -10.04
C ALA A 88 -11.89 -5.90 -9.60
N GLU A 89 -10.94 -6.27 -10.47
CA GLU A 89 -9.53 -6.27 -10.09
C GLU A 89 -8.94 -4.87 -9.97
N ASP A 90 -9.66 -3.82 -10.40
CA ASP A 90 -9.24 -2.45 -10.12
C ASP A 90 -9.48 -2.06 -8.68
N SER A 91 -10.04 -2.94 -7.85
CA SER A 91 -10.38 -2.58 -6.48
C SER A 91 -9.12 -2.47 -5.65
N ALA A 92 -8.96 -1.34 -4.98
CA ALA A 92 -7.70 -1.06 -4.29
C ALA A 92 -7.84 0.23 -3.49
N VAL A 93 -6.91 0.42 -2.57
CA VAL A 93 -6.60 1.75 -2.09
C VAL A 93 -5.80 2.48 -3.16
N TYR A 94 -6.22 3.69 -3.50
CA TYR A 94 -5.53 4.51 -4.48
C TYR A 94 -4.81 5.65 -3.77
N TYR A 95 -3.50 5.77 -4.02
CA TYR A 95 -2.65 6.82 -3.50
C TYR A 95 -2.21 7.76 -4.62
N CYS A 96 -2.27 9.07 -4.36
CA CYS A 96 -1.46 9.98 -5.16
C CYS A 96 -0.09 10.10 -4.51
N ALA A 97 0.92 10.32 -5.35
CA ALA A 97 2.29 10.40 -4.90
C ALA A 97 2.99 11.51 -5.68
N LYS A 98 3.77 12.29 -4.97
CA LYS A 98 4.53 13.37 -5.54
C LYS A 98 5.91 12.86 -5.97
N SER A 99 6.40 13.42 -7.07
CA SER A 99 7.79 13.30 -7.50
C SER A 99 8.62 14.44 -6.92
N PRO A 100 9.87 14.17 -6.52
CA PRO A 100 10.77 15.26 -6.14
C PRO A 100 11.27 16.08 -7.33
N THR A 101 11.01 15.63 -8.57
CA THR A 101 11.45 16.32 -9.78
C THR A 101 10.29 16.50 -10.73
N ALA A 102 10.56 16.52 -12.03
CA ALA A 102 9.57 16.99 -12.98
C ALA A 102 8.59 15.92 -13.43
N ILE A 103 8.93 14.63 -13.32
CA ILE A 103 8.06 13.55 -13.78
C ILE A 103 8.50 12.20 -13.21
N ASP A 104 9.81 11.96 -13.09
CA ASP A 104 10.32 10.67 -12.66
C ASP A 104 9.91 10.31 -11.22
N PRO A 105 9.88 9.02 -10.91
CA PRO A 105 9.96 8.60 -9.50
C PRO A 105 11.29 9.04 -8.92
N PRO A 106 11.55 8.80 -7.62
CA PRO A 106 10.77 8.06 -6.62
C PRO A 106 9.61 8.91 -6.12
N PHE A 107 8.88 8.40 -5.15
CA PHE A 107 7.69 9.09 -4.66
C PHE A 107 8.01 9.63 -3.27
N ASP A 108 8.30 10.94 -3.19
CA ASP A 108 8.81 11.47 -1.94
C ASP A 108 7.71 11.75 -0.91
N TYR A 109 6.48 11.99 -1.35
CA TYR A 109 5.35 12.18 -0.44
C TYR A 109 4.14 11.45 -1.00
N TRP A 110 3.31 10.96 -0.09
CA TRP A 110 2.16 10.15 -0.43
C TRP A 110 0.93 10.69 0.28
N GLY A 111 -0.21 10.61 -0.39
CA GLY A 111 -1.47 10.87 0.27
C GLY A 111 -1.85 9.69 1.15
N GLN A 112 -3.00 9.85 1.84
CA GLN A 112 -3.51 8.83 2.74
C GLN A 112 -4.23 7.69 2.02
N GLY A 113 -4.55 7.84 0.75
CA GLY A 113 -5.27 6.77 0.07
C GLY A 113 -6.77 6.97 0.12
N THR A 114 -7.44 6.46 -0.90
CA THR A 114 -8.90 6.44 -0.95
C THR A 114 -9.31 5.06 -1.45
N LEU A 115 -10.28 4.43 -0.79
CA LEU A 115 -10.64 3.04 -1.11
C LEU A 115 -11.65 3.00 -2.24
N VAL A 116 -11.32 2.25 -3.29
CA VAL A 116 -12.20 2.03 -4.44
C VAL A 116 -12.59 0.55 -4.44
N THR A 117 -13.88 0.29 -4.37
CA THR A 117 -14.44 -1.06 -4.39
C THR A 117 -15.32 -1.18 -5.62
N VAL A 118 -14.96 -2.07 -6.53
CA VAL A 118 -15.74 -2.32 -7.73
C VAL A 118 -16.52 -3.61 -7.49
N SER A 119 -17.84 -3.50 -7.51
CA SER A 119 -18.69 -4.59 -7.05
C SER A 119 -20.13 -4.25 -7.38
N SER A 120 -20.95 -5.29 -7.47
CA SER A 120 -22.39 -5.15 -7.69
C SER A 120 -23.18 -5.27 -6.39
N ALA A 121 -22.52 -5.62 -5.30
CA ALA A 121 -23.16 -5.67 -4.00
C ALA A 121 -23.80 -4.33 -3.63
N SER A 122 -24.82 -4.41 -2.79
CA SER A 122 -25.52 -3.25 -2.25
C SER A 122 -24.98 -2.93 -0.87
N THR A 123 -24.75 -1.64 -0.63
CA THR A 123 -24.30 -1.19 0.67
C THR A 123 -25.25 -1.68 1.76
N LYS A 124 -24.67 -2.29 2.79
CA LYS A 124 -25.46 -2.96 3.82
C LYS A 124 -24.74 -2.85 5.15
N GLY A 125 -25.47 -2.48 6.19
CA GLY A 125 -24.91 -2.41 7.52
C GLY A 125 -24.84 -3.76 8.20
N PRO A 126 -23.96 -3.88 9.19
CA PRO A 126 -23.74 -5.18 9.84
C PRO A 126 -24.76 -5.52 10.91
N SER A 127 -25.06 -6.80 10.99
CA SER A 127 -25.61 -7.34 12.23
C SER A 127 -24.48 -7.46 13.26
N VAL A 128 -24.79 -7.18 14.51
CA VAL A 128 -23.78 -7.23 15.57
C VAL A 128 -24.27 -8.21 16.64
N PHE A 129 -23.53 -9.29 16.84
CA PHE A 129 -23.93 -10.30 17.80
C PHE A 129 -22.91 -10.40 18.92
N PRO A 130 -23.36 -10.70 20.13
CA PRO A 130 -22.42 -10.85 21.26
C PRO A 130 -21.67 -12.18 21.22
N LEU A 131 -20.42 -12.13 21.66
CA LEU A 131 -19.58 -13.29 21.93
C LEU A 131 -19.37 -13.26 23.44
N ALA A 132 -20.20 -13.97 24.16
CA ALA A 132 -20.24 -13.86 25.61
C ALA A 132 -19.14 -14.71 26.26
N PRO A 133 -18.54 -14.21 27.36
CA PRO A 133 -17.44 -14.86 28.10
C PRO A 133 -17.71 -16.29 28.57
N GLY A 141 -9.51 -16.60 36.24
CA GLY A 141 -8.44 -15.64 36.04
C GLY A 141 -8.72 -14.60 34.97
N THR A 142 -8.67 -15.02 33.70
CA THR A 142 -8.89 -14.12 32.58
C THR A 142 -10.05 -14.63 31.72
N ALA A 143 -10.99 -13.74 31.41
CA ALA A 143 -12.08 -14.03 30.51
C ALA A 143 -11.89 -13.27 29.20
N ALA A 144 -12.54 -13.74 28.15
CA ALA A 144 -12.59 -13.04 26.88
C ALA A 144 -14.04 -12.87 26.47
N LEU A 145 -14.30 -11.78 25.75
CA LEU A 145 -15.64 -11.55 25.22
C LEU A 145 -15.48 -10.70 23.98
N GLY A 146 -16.58 -10.49 23.26
CA GLY A 146 -16.45 -9.74 22.03
C GLY A 146 -17.74 -9.58 21.28
N CYS A 147 -17.59 -9.21 20.02
CA CYS A 147 -18.67 -8.90 19.09
C CYS A 147 -18.34 -9.51 17.75
N LEU A 148 -19.35 -10.11 17.12
CA LEU A 148 -19.28 -10.58 15.76
C LEU A 148 -20.02 -9.56 14.89
N VAL A 149 -19.30 -8.93 13.97
CA VAL A 149 -19.83 -7.89 13.11
C VAL A 149 -19.99 -8.53 11.74
N LYS A 150 -21.20 -8.96 11.41
CA LYS A 150 -21.43 -9.87 10.30
C LYS A 150 -22.26 -9.22 9.20
N ASP A 151 -21.93 -9.57 7.95
CA ASP A 151 -22.77 -9.32 6.77
C ASP A 151 -22.90 -7.84 6.40
N TYR A 152 -21.77 -7.15 6.29
CA TYR A 152 -21.79 -5.76 5.86
C TYR A 152 -21.02 -5.60 4.55
N PHE A 153 -21.27 -4.46 3.91
CA PHE A 153 -20.62 -4.07 2.67
C PHE A 153 -20.84 -2.58 2.47
N PRO A 154 -19.80 -1.82 2.07
CA PRO A 154 -18.41 -2.22 1.85
C PRO A 154 -17.54 -2.04 3.10
N GLU A 155 -16.25 -2.35 3.00
CA GLU A 155 -15.30 -1.89 4.00
C GLU A 155 -15.31 -0.36 4.02
N PRO A 156 -14.99 0.27 5.16
CA PRO A 156 -14.61 -0.35 6.42
C PRO A 156 -15.65 -0.24 7.52
N VAL A 157 -15.37 -0.95 8.61
CA VAL A 157 -16.10 -0.87 9.86
C VAL A 157 -15.10 -0.45 10.93
N THR A 158 -15.50 0.43 11.83
CA THR A 158 -14.72 0.67 13.04
C THR A 158 -15.44 0.01 14.22
N VAL A 159 -14.65 -0.41 15.21
CA VAL A 159 -15.16 -0.97 16.46
C VAL A 159 -14.35 -0.38 17.60
N SER A 160 -15.05 0.19 18.58
CA SER A 160 -14.42 0.57 19.84
C SER A 160 -15.10 -0.18 20.98
N TRP A 161 -14.54 -0.07 22.17
CA TRP A 161 -15.11 -0.71 23.35
C TRP A 161 -15.31 0.32 24.45
N ASN A 162 -16.47 0.22 25.11
CA ASN A 162 -16.86 1.16 26.16
C ASN A 162 -16.60 2.61 25.73
N SER A 163 -16.96 2.90 24.47
CA SER A 163 -16.81 4.21 23.86
C SER A 163 -15.37 4.71 23.89
N GLY A 164 -14.41 3.78 23.82
CA GLY A 164 -13.01 4.13 23.83
C GLY A 164 -12.35 4.12 25.19
N ALA A 165 -13.13 4.00 26.28
CA ALA A 165 -12.59 3.89 27.63
C ALA A 165 -12.05 2.51 27.93
N LEU A 166 -11.87 1.68 26.90
CA LEU A 166 -11.33 0.35 27.06
C LEU A 166 -10.57 0.03 25.78
N THR A 167 -9.25 0.00 25.88
CA THR A 167 -8.39 -0.34 24.74
C THR A 167 -7.41 -1.46 25.04
N SER A 168 -7.05 -1.68 26.30
CA SER A 168 -6.08 -2.69 26.65
C SER A 168 -6.69 -4.07 26.52
N GLY A 169 -6.01 -4.94 25.78
CA GLY A 169 -6.48 -6.29 25.53
C GLY A 169 -7.45 -6.42 24.38
N VAL A 170 -7.70 -5.34 23.63
CA VAL A 170 -8.62 -5.38 22.50
C VAL A 170 -7.90 -5.89 21.27
N HIS A 171 -8.58 -6.77 20.52
CA HIS A 171 -8.13 -7.15 19.18
C HIS A 171 -9.33 -7.10 18.27
N THR A 172 -9.29 -6.23 17.27
CA THR A 172 -10.27 -6.21 16.19
C THR A 172 -9.62 -6.85 14.96
N PHE A 173 -10.21 -7.91 14.50
CA PHE A 173 -9.57 -8.71 13.48
C PHE A 173 -9.86 -8.17 12.08
N PRO A 174 -8.96 -8.44 11.13
CA PRO A 174 -9.28 -8.13 9.73
C PRO A 174 -10.56 -8.82 9.31
N ALA A 175 -11.35 -8.13 8.51
CA ALA A 175 -12.59 -8.71 8.00
C ALA A 175 -12.29 -9.79 6.96
N VAL A 176 -13.16 -10.77 6.87
CA VAL A 176 -13.10 -11.77 5.81
C VAL A 176 -14.25 -11.54 4.84
N LEU A 177 -13.98 -11.71 3.56
CA LEU A 177 -15.01 -11.68 2.55
C LEU A 177 -15.67 -13.05 2.48
N GLN A 178 -16.97 -13.10 2.72
CA GLN A 178 -17.68 -14.37 2.71
C GLN A 178 -18.17 -14.70 1.31
N SER A 179 -18.66 -15.94 1.14
CA SER A 179 -19.19 -16.40 -0.15
C SER A 179 -20.25 -15.45 -0.70
N SER A 180 -20.96 -14.75 0.18
CA SER A 180 -22.09 -13.91 -0.19
C SER A 180 -21.70 -12.55 -0.72
N GLY A 181 -20.40 -12.29 -0.90
CA GLY A 181 -19.97 -10.94 -1.19
C GLY A 181 -20.01 -9.99 -0.02
N LEU A 182 -20.38 -10.46 1.17
CA LEU A 182 -20.43 -9.64 2.37
C LEU A 182 -19.22 -9.87 3.26
N TYR A 183 -18.87 -8.87 4.05
CA TYR A 183 -17.76 -8.93 4.98
C TYR A 183 -18.24 -9.33 6.38
N SER A 184 -17.32 -9.92 7.13
CA SER A 184 -17.56 -10.21 8.54
C SER A 184 -16.24 -10.08 9.28
N LEU A 185 -16.30 -9.45 10.45
CA LEU A 185 -15.14 -9.36 11.32
C LEU A 185 -15.57 -9.66 12.75
N SER A 186 -14.59 -9.86 13.61
CA SER A 186 -14.88 -9.99 15.02
C SER A 186 -13.94 -9.08 15.79
N SER A 187 -14.39 -8.67 16.95
CA SER A 187 -13.58 -7.87 17.87
C SER A 187 -13.69 -8.50 19.24
N VAL A 188 -12.56 -8.69 19.91
CA VAL A 188 -12.55 -9.31 21.24
C VAL A 188 -11.79 -8.42 22.21
N VAL A 189 -11.97 -8.71 23.49
CA VAL A 189 -11.20 -8.12 24.58
C VAL A 189 -11.13 -9.14 25.71
N THR A 190 -9.96 -9.22 26.33
CA THR A 190 -9.77 -10.05 27.52
C THR A 190 -9.80 -9.14 28.73
N VAL A 191 -10.59 -9.52 29.73
CA VAL A 191 -10.73 -8.74 30.95
C VAL A 191 -10.55 -9.68 32.13
N PRO A 192 -10.34 -9.17 33.34
CA PRO A 192 -10.35 -10.04 34.52
C PRO A 192 -11.74 -10.65 34.73
N SER A 193 -11.75 -11.95 35.03
CA SER A 193 -13.02 -12.63 35.31
C SER A 193 -13.77 -11.98 36.46
N SER A 194 -13.03 -11.47 37.46
CA SER A 194 -13.68 -10.80 38.58
C SER A 194 -14.42 -9.54 38.15
N SER A 195 -14.17 -9.04 36.94
CA SER A 195 -14.84 -7.86 36.40
C SER A 195 -16.23 -8.15 35.84
N LEU A 196 -16.52 -9.42 35.51
CA LEU A 196 -17.77 -9.73 34.83
C LEU A 196 -18.98 -9.42 35.68
N GLY A 197 -18.84 -9.45 37.00
CA GLY A 197 -19.99 -9.24 37.87
C GLY A 197 -20.35 -7.79 38.10
N THR A 198 -19.41 -6.87 37.87
CA THR A 198 -19.62 -5.44 38.13
C THR A 198 -19.47 -4.57 36.90
N GLN A 199 -18.50 -4.84 36.04
CA GLN A 199 -18.18 -3.97 34.92
C GLN A 199 -19.02 -4.32 33.69
N THR A 200 -19.67 -3.31 33.12
CA THR A 200 -20.43 -3.46 31.88
C THR A 200 -19.51 -3.32 30.67
N TYR A 201 -19.71 -4.19 29.67
CA TYR A 201 -18.92 -4.21 28.45
C TYR A 201 -19.82 -3.97 27.24
N ILE A 202 -19.50 -2.94 26.46
CA ILE A 202 -20.29 -2.52 25.31
C ILE A 202 -19.34 -2.30 24.15
N CYS A 203 -19.65 -2.89 23.00
CA CYS A 203 -18.88 -2.66 21.78
C CYS A 203 -19.65 -1.71 20.88
N ASN A 204 -18.96 -0.69 20.38
CA ASN A 204 -19.55 0.35 19.54
C ASN A 204 -19.04 0.13 18.12
N VAL A 205 -19.94 -0.27 17.24
CA VAL A 205 -19.64 -0.56 15.85
C VAL A 205 -20.13 0.59 15.02
N ASN A 206 -19.30 1.03 14.06
CA ASN A 206 -19.65 2.15 13.19
C ASN A 206 -19.38 1.72 11.76
N HIS A 207 -20.43 1.66 10.95
CA HIS A 207 -20.32 1.40 9.52
C HIS A 207 -20.76 2.68 8.82
N LYS A 208 -19.79 3.53 8.51
CA LYS A 208 -20.06 4.84 7.94
C LYS A 208 -20.69 4.78 6.55
N PRO A 209 -20.24 3.88 5.66
CA PRO A 209 -20.92 3.79 4.34
C PRO A 209 -22.44 3.67 4.42
N SER A 210 -22.99 3.05 5.46
CA SER A 210 -24.42 2.85 5.56
C SER A 210 -25.06 3.70 6.65
N ASN A 211 -24.30 4.59 7.29
CA ASN A 211 -24.77 5.37 8.44
C ASN A 211 -25.33 4.46 9.52
N THR A 212 -24.59 3.38 9.79
CA THR A 212 -25.03 2.37 10.75
C THR A 212 -24.16 2.49 11.99
N LYS A 213 -24.73 2.97 13.08
CA LYS A 213 -24.04 3.04 14.36
C LYS A 213 -24.78 2.11 15.31
N VAL A 214 -24.08 1.11 15.83
CA VAL A 214 -24.68 0.08 16.67
C VAL A 214 -23.86 -0.05 17.94
N ASP A 215 -24.48 0.16 19.09
CA ASP A 215 -23.86 -0.20 20.36
C ASP A 215 -24.48 -1.51 20.83
N LYS A 216 -23.64 -2.41 21.36
CA LYS A 216 -24.08 -3.75 21.74
C LYS A 216 -23.50 -4.10 23.11
N ARG A 217 -24.37 -4.36 24.07
CA ARG A 217 -23.93 -4.80 25.39
C ARG A 217 -23.62 -6.29 25.33
N VAL A 218 -22.49 -6.70 25.89
CA VAL A 218 -22.09 -8.10 25.91
C VAL A 218 -22.25 -8.60 27.33
N GLU A 219 -23.22 -9.47 27.52
CA GLU A 219 -23.71 -10.01 28.77
C GLU A 219 -23.09 -11.37 29.06
N PRO A 220 -22.58 -11.61 30.28
CA PRO A 220 -22.30 -12.98 30.73
C PRO A 220 -23.58 -13.79 30.95
N GLU B 1 10.55 -6.29 -20.27
CA GLU B 1 9.96 -6.18 -18.94
C GLU B 1 11.01 -6.39 -17.85
N ILE B 2 11.07 -5.49 -16.87
CA ILE B 2 12.02 -5.56 -15.78
C ILE B 2 11.34 -6.18 -14.56
N VAL B 3 11.83 -7.33 -14.11
CA VAL B 3 11.25 -8.03 -12.98
C VAL B 3 12.05 -7.71 -11.73
N MET B 4 11.38 -7.19 -10.69
CA MET B 4 12.00 -6.89 -9.40
C MET B 4 11.62 -7.97 -8.38
N THR B 5 12.62 -8.58 -7.75
CA THR B 5 12.41 -9.69 -6.81
C THR B 5 13.03 -9.35 -5.47
N GLN B 6 12.25 -9.39 -4.42
CA GLN B 6 12.79 -9.09 -3.11
C GLN B 6 13.04 -10.39 -2.35
N SER B 7 14.00 -10.34 -1.44
CA SER B 7 14.31 -11.54 -0.67
C SER B 7 14.80 -11.12 0.70
N PRO B 8 14.43 -11.84 1.77
CA PRO B 8 13.44 -12.91 1.68
C PRO B 8 12.04 -12.34 1.70
N ALA B 9 11.05 -13.22 1.69
CA ALA B 9 9.67 -12.80 1.88
C ALA B 9 9.46 -12.20 3.27
N THR B 10 9.96 -12.88 4.29
CA THR B 10 9.73 -12.40 5.63
C THR B 10 11.00 -12.57 6.44
N LEU B 11 11.17 -11.65 7.39
CA LEU B 11 12.40 -11.56 8.17
C LEU B 11 12.01 -11.36 9.61
N SER B 12 12.47 -12.26 10.49
CA SER B 12 12.31 -12.13 11.93
C SER B 12 13.64 -11.69 12.52
N VAL B 13 13.64 -10.57 13.22
CA VAL B 13 14.85 -10.01 13.78
C VAL B 13 14.56 -9.61 15.22
N SER B 14 15.45 -9.97 16.14
CA SER B 14 15.32 -9.51 17.51
C SER B 14 15.52 -8.00 17.58
N PRO B 15 14.83 -7.32 18.50
CA PRO B 15 14.99 -5.87 18.61
C PRO B 15 16.42 -5.49 18.98
N GLY B 16 16.84 -4.31 18.52
CA GLY B 16 18.20 -3.88 18.66
C GLY B 16 19.18 -4.60 17.77
N GLU B 17 18.75 -5.60 17.01
CA GLU B 17 19.62 -6.33 16.10
C GLU B 17 19.51 -5.77 14.69
N ARG B 18 20.19 -6.43 13.77
CA ARG B 18 20.43 -5.97 12.42
C ARG B 18 19.54 -6.71 11.44
N ALA B 19 19.02 -5.99 10.46
CA ALA B 19 18.24 -6.62 9.41
C ALA B 19 18.78 -6.20 8.06
N THR B 20 18.87 -7.17 7.14
CA THR B 20 19.45 -7.00 5.82
C THR B 20 18.47 -7.54 4.80
N LEU B 21 18.01 -6.68 3.90
CA LEU B 21 16.99 -7.00 2.90
C LEU B 21 17.59 -6.86 1.51
N SER B 22 17.28 -7.81 0.61
CA SER B 22 17.82 -7.78 -0.74
C SER B 22 16.74 -7.51 -1.79
N CYS B 23 17.18 -6.89 -2.87
CA CYS B 23 16.37 -6.60 -4.03
C CYS B 23 17.20 -6.96 -5.26
N TRP B 24 16.61 -7.78 -6.13
CA TRP B 24 17.23 -8.21 -7.39
C TRP B 24 16.43 -7.67 -8.57
N ALA B 25 17.13 -7.21 -9.60
CA ALA B 25 16.48 -6.79 -10.83
C ALA B 25 16.84 -7.77 -11.94
N SER B 26 15.91 -7.99 -12.87
CA SER B 26 16.19 -8.96 -13.92
C SER B 26 17.20 -8.43 -14.94
N GLN B 27 17.36 -7.10 -15.03
CA GLN B 27 18.46 -6.50 -15.76
C GLN B 27 18.85 -5.20 -15.04
N SER B 28 19.92 -4.58 -15.51
CA SER B 28 20.49 -3.44 -14.80
C SER B 28 19.51 -2.27 -14.70
N VAL B 29 19.38 -1.70 -13.51
CA VAL B 29 18.63 -0.47 -13.32
C VAL B 29 19.55 0.65 -12.83
N SER B 30 20.86 0.50 -13.06
CA SER B 30 21.92 1.47 -12.68
C SER B 30 21.76 1.74 -11.18
N SER B 31 21.65 2.99 -10.76
CA SER B 31 21.38 3.38 -9.39
C SER B 31 19.98 3.92 -9.19
N ASN B 32 19.11 3.84 -10.19
CA ASN B 32 17.76 4.39 -10.06
C ASN B 32 16.88 3.36 -9.34
N LEU B 33 17.14 3.25 -8.03
CA LEU B 33 16.45 2.28 -7.20
C LEU B 33 16.06 2.90 -5.86
N ALA B 34 14.80 2.73 -5.45
CA ALA B 34 14.26 3.33 -4.23
C ALA B 34 13.77 2.25 -3.27
N TRP B 35 13.79 2.59 -1.99
CA TRP B 35 13.21 1.78 -0.94
C TRP B 35 12.16 2.59 -0.18
N TYR B 36 11.04 1.89 0.13
CA TYR B 36 9.88 2.42 0.82
C TYR B 36 9.57 1.53 2.03
N GLN B 37 9.04 2.16 3.07
CA GLN B 37 8.56 1.52 4.28
C GLN B 37 7.06 1.77 4.39
N GLN B 38 6.28 0.72 4.61
CA GLN B 38 4.85 0.86 4.85
C GLN B 38 4.47 0.09 6.10
N LYS B 39 3.96 0.78 7.07
CA LYS B 39 3.41 0.15 8.26
C LYS B 39 1.92 -0.12 8.06
N PRO B 40 1.39 -1.12 8.76
CA PRO B 40 -0.02 -1.49 8.59
C PRO B 40 -0.97 -0.30 8.67
N GLY B 41 -1.86 -0.19 7.68
CA GLY B 41 -2.87 0.85 7.70
C GLY B 41 -2.37 2.24 7.38
N GLN B 42 -1.15 2.38 6.89
CA GLN B 42 -0.60 3.69 6.60
C GLN B 42 -0.09 3.69 5.18
N ALA B 43 0.06 4.90 4.63
CA ALA B 43 0.67 5.06 3.33
C ALA B 43 2.16 4.72 3.41
N PRO B 44 2.77 4.34 2.29
CA PRO B 44 4.22 4.13 2.28
C PRO B 44 4.98 5.42 2.50
N ARG B 45 6.25 5.25 2.88
CA ARG B 45 7.13 6.38 3.15
C ARG B 45 8.45 6.08 2.46
N LEU B 46 8.98 7.04 1.72
CA LEU B 46 10.24 6.85 1.01
C LEU B 46 11.40 6.82 2.01
N LEU B 47 12.26 5.82 1.88
CA LEU B 47 13.44 5.72 2.74
C LEU B 47 14.71 6.05 2.02
N ILE B 48 14.84 5.54 0.81
CA ILE B 48 16.10 5.56 0.08
C ILE B 48 15.77 5.85 -1.37
N TYR B 49 16.57 6.71 -2.00
CA TYR B 49 16.52 6.88 -3.45
C TYR B 49 17.95 6.96 -3.97
N GLY B 50 18.09 6.80 -5.28
CA GLY B 50 19.42 6.76 -5.85
C GLY B 50 20.25 5.61 -5.34
N ALA B 51 19.60 4.49 -5.00
CA ALA B 51 20.18 3.27 -4.43
C ALA B 51 20.75 3.47 -3.03
N SER B 52 21.33 4.63 -2.71
CA SER B 52 22.01 4.74 -1.43
C SER B 52 21.72 6.02 -0.62
N THR B 53 20.92 6.95 -1.15
CA THR B 53 20.72 8.24 -0.50
C THR B 53 19.50 8.16 0.42
N ARG B 54 19.70 8.50 1.69
CA ARG B 54 18.60 8.57 2.64
C ARG B 54 17.70 9.76 2.33
N ALA B 55 16.40 9.50 2.31
CA ALA B 55 15.42 10.55 2.11
C ALA B 55 15.37 11.47 3.33
N THR B 56 14.69 12.60 3.16
CA THR B 56 14.45 13.54 4.25
C THR B 56 13.85 12.84 5.46
N GLY B 57 14.41 13.12 6.64
CA GLY B 57 13.86 12.68 7.90
C GLY B 57 14.07 11.21 8.25
N ILE B 58 14.82 10.46 7.45
CA ILE B 58 15.04 9.04 7.69
C ILE B 58 16.23 8.88 8.63
N PRO B 59 16.08 8.16 9.75
CA PRO B 59 17.20 8.02 10.70
C PRO B 59 18.40 7.30 10.09
N ALA B 60 19.56 7.59 10.67
CA ALA B 60 20.84 7.15 10.14
C ALA B 60 21.04 5.63 10.19
N ARG B 61 20.25 4.90 10.99
CA ARG B 61 20.41 3.45 11.03
C ARG B 61 19.88 2.75 9.79
N PHE B 62 19.10 3.44 8.96
CA PHE B 62 18.78 2.95 7.63
C PHE B 62 19.93 3.29 6.69
N SER B 63 20.51 2.28 6.06
CA SER B 63 21.48 2.51 5.01
C SER B 63 21.19 1.55 3.86
N ALA B 64 21.67 1.89 2.66
CA ALA B 64 21.39 1.07 1.50
C ALA B 64 22.54 1.19 0.53
N SER B 65 22.82 0.10 -0.18
CA SER B 65 23.83 0.12 -1.21
C SER B 65 23.38 -0.73 -2.39
N GLY B 66 24.16 -0.66 -3.46
CA GLY B 66 24.03 -1.54 -4.60
C GLY B 66 23.94 -0.75 -5.88
N SER B 67 23.88 -1.49 -6.99
CA SER B 67 23.72 -0.88 -8.31
C SER B 67 23.67 -2.00 -9.35
N GLY B 68 23.17 -1.68 -10.53
CA GLY B 68 23.00 -2.69 -11.56
C GLY B 68 21.83 -3.59 -11.25
N THR B 69 22.10 -4.83 -10.83
CA THR B 69 21.03 -5.79 -10.57
C THR B 69 20.92 -6.21 -9.11
N GLU B 70 21.73 -5.66 -8.21
CA GLU B 70 21.71 -6.13 -6.83
C GLU B 70 21.78 -4.98 -5.84
N PHE B 71 20.84 -4.99 -4.90
CA PHE B 71 20.65 -3.89 -3.95
C PHE B 71 20.35 -4.45 -2.56
N THR B 72 20.75 -3.69 -1.55
CA THR B 72 20.62 -4.12 -0.16
C THR B 72 20.20 -2.93 0.69
N LEU B 73 19.20 -3.15 1.55
CA LEU B 73 18.80 -2.24 2.60
C LEU B 73 19.19 -2.85 3.95
N THR B 74 19.82 -2.05 4.80
CA THR B 74 20.26 -2.52 6.11
C THR B 74 19.69 -1.60 7.18
N ILE B 75 19.20 -2.21 8.26
CA ILE B 75 18.77 -1.52 9.46
C ILE B 75 19.69 -2.01 10.56
N SER B 76 20.60 -1.16 11.01
CA SER B 76 21.70 -1.64 11.83
C SER B 76 21.25 -1.98 13.26
N SER B 77 20.22 -1.30 13.76
CA SER B 77 19.74 -1.57 15.11
C SER B 77 18.22 -1.44 15.07
N LEU B 78 17.54 -2.58 14.99
CA LEU B 78 16.12 -2.60 14.66
C LEU B 78 15.32 -2.14 15.87
N GLN B 79 14.64 -1.01 15.74
CA GLN B 79 13.84 -0.44 16.81
C GLN B 79 12.37 -0.73 16.58
N SER B 80 11.57 -0.51 17.65
CA SER B 80 10.17 -0.96 17.68
C SER B 80 9.35 -0.40 16.53
N GLU B 81 9.63 0.82 16.09
CA GLU B 81 8.85 1.42 15.02
C GLU B 81 9.33 1.02 13.63
N ASP B 82 10.43 0.28 13.53
CA ASP B 82 11.00 -0.12 12.25
C ASP B 82 10.36 -1.36 11.68
N PHE B 83 9.28 -1.86 12.26
CA PHE B 83 8.70 -3.12 11.85
C PHE B 83 7.54 -2.85 10.89
N ALA B 84 7.69 -3.31 9.65
CA ALA B 84 6.81 -2.89 8.56
C ALA B 84 7.09 -3.77 7.34
N VAL B 85 6.39 -3.46 6.24
CA VAL B 85 6.69 -4.06 4.94
C VAL B 85 7.57 -3.10 4.13
N TYR B 86 8.66 -3.61 3.60
CA TYR B 86 9.61 -2.79 2.86
C TYR B 86 9.56 -3.17 1.38
N TYR B 87 9.42 -2.16 0.52
CA TYR B 87 9.37 -2.35 -0.93
C TYR B 87 10.56 -1.70 -1.61
N CYS B 88 11.13 -2.40 -2.57
CA CYS B 88 12.00 -1.70 -3.51
C CYS B 88 11.21 -1.30 -4.75
N GLN B 89 11.80 -0.37 -5.51
CA GLN B 89 11.18 0.16 -6.73
C GLN B 89 12.28 0.58 -7.69
N GLN B 90 12.31 0.00 -8.89
CA GLN B 90 13.22 0.48 -9.91
C GLN B 90 12.50 1.57 -10.68
N TYR B 91 13.24 2.65 -10.98
CA TYR B 91 12.74 3.73 -11.80
C TYR B 91 13.78 4.13 -12.84
N ASN B 92 14.61 3.18 -13.25
CA ASN B 92 15.51 3.42 -14.36
C ASN B 92 14.78 3.38 -15.70
N ASN B 93 13.70 2.60 -15.79
CA ASN B 93 13.00 2.39 -17.05
C ASN B 93 11.48 2.47 -16.85
N TRP B 94 10.79 3.15 -17.77
CA TRP B 94 9.32 3.13 -17.82
C TRP B 94 8.82 1.75 -18.27
N PRO B 95 7.88 1.12 -17.54
CA PRO B 95 7.23 1.61 -16.32
C PRO B 95 8.04 1.31 -15.06
N PRO B 96 8.03 2.21 -14.08
CA PRO B 96 8.69 1.89 -12.81
C PRO B 96 7.96 0.71 -12.17
N ARG B 97 8.72 -0.14 -11.49
CA ARG B 97 8.20 -1.39 -10.97
C ARG B 97 8.60 -1.55 -9.52
N PHE B 98 7.60 -1.85 -8.68
CA PHE B 98 7.83 -2.23 -7.29
C PHE B 98 8.21 -3.70 -7.17
N GLY B 99 9.07 -4.00 -6.22
CA GLY B 99 9.21 -5.37 -5.79
C GLY B 99 7.96 -5.81 -5.03
N GLN B 100 7.88 -7.10 -4.71
CA GLN B 100 6.70 -7.61 -4.02
C GLN B 100 6.74 -7.39 -2.51
N GLY B 101 7.84 -6.90 -1.95
CA GLY B 101 7.82 -6.53 -0.55
C GLY B 101 8.50 -7.57 0.35
N THR B 102 9.10 -7.07 1.43
CA THR B 102 9.65 -7.92 2.49
C THR B 102 9.07 -7.47 3.83
N LYS B 103 8.45 -8.38 4.56
CA LYS B 103 7.92 -8.06 5.87
C LYS B 103 9.01 -8.30 6.91
N VAL B 104 9.26 -7.27 7.74
CA VAL B 104 10.18 -7.35 8.86
C VAL B 104 9.38 -7.35 10.15
N GLU B 105 9.36 -8.49 10.86
CA GLU B 105 8.65 -8.62 12.14
C GLU B 105 9.65 -8.78 13.29
N ILE B 106 9.15 -8.53 14.49
CA ILE B 106 9.93 -8.70 15.73
C ILE B 106 10.07 -10.19 16.02
N LYS B 107 11.28 -10.63 16.32
CA LYS B 107 11.47 -11.93 16.91
C LYS B 107 11.37 -11.83 18.44
N ARG B 108 10.67 -12.78 19.05
CA ARG B 108 10.49 -12.82 20.50
C ARG B 108 10.41 -14.29 20.91
N THR B 109 10.29 -14.55 22.21
CA THR B 109 10.23 -15.94 22.66
C THR B 109 8.90 -16.56 22.26
N VAL B 110 8.88 -17.90 22.25
CA VAL B 110 7.66 -18.60 21.93
C VAL B 110 6.62 -18.31 23.00
N ALA B 111 5.39 -18.01 22.56
CA ALA B 111 4.25 -17.78 23.43
C ALA B 111 3.10 -18.62 22.90
N ALA B 112 2.59 -19.53 23.73
CA ALA B 112 1.43 -20.33 23.38
C ALA B 112 0.17 -19.47 23.40
N PRO B 113 -0.80 -19.76 22.53
CA PRO B 113 -2.06 -19.00 22.55
C PRO B 113 -2.93 -19.34 23.76
N SER B 114 -3.71 -18.37 24.21
CA SER B 114 -4.86 -18.65 25.07
C SER B 114 -6.05 -18.89 24.17
N VAL B 115 -6.76 -20.00 24.38
CA VAL B 115 -7.82 -20.40 23.47
C VAL B 115 -9.17 -20.22 24.15
N PHE B 116 -10.13 -19.69 23.39
CA PHE B 116 -11.48 -19.44 23.87
C PHE B 116 -12.47 -19.83 22.77
N ILE B 117 -13.60 -20.44 23.14
CA ILE B 117 -14.63 -20.78 22.15
C ILE B 117 -15.93 -20.09 22.54
N PHE B 118 -16.65 -19.61 21.53
CA PHE B 118 -17.88 -18.82 21.69
C PHE B 118 -18.97 -19.48 20.86
N PRO B 119 -20.06 -19.91 21.49
CA PRO B 119 -21.21 -20.42 20.74
C PRO B 119 -21.92 -19.30 19.99
N PRO B 120 -22.75 -19.62 19.01
CA PRO B 120 -23.63 -18.60 18.45
C PRO B 120 -24.56 -18.05 19.52
N SER B 121 -24.87 -16.77 19.41
CA SER B 121 -25.85 -16.15 20.27
C SER B 121 -27.27 -16.50 19.84
N ASP B 122 -28.22 -16.34 20.75
CA ASP B 122 -29.61 -16.60 20.40
C ASP B 122 -30.15 -15.57 19.41
N GLU B 123 -29.70 -14.32 19.52
CA GLU B 123 -30.05 -13.32 18.52
C GLU B 123 -29.68 -13.80 17.11
N GLN B 124 -28.46 -14.29 16.93
CA GLN B 124 -28.09 -14.75 15.59
C GLN B 124 -28.89 -15.97 15.18
N LEU B 125 -29.16 -16.87 16.13
CA LEU B 125 -29.90 -18.09 15.83
C LEU B 125 -31.31 -17.79 15.35
N LYS B 126 -31.91 -16.68 15.80
CA LYS B 126 -33.19 -16.25 15.22
C LYS B 126 -33.09 -16.06 13.72
N SER B 127 -31.90 -15.77 13.20
CA SER B 127 -31.70 -15.43 11.79
C SER B 127 -31.49 -16.66 10.89
N GLY B 128 -31.43 -17.86 11.45
CA GLY B 128 -31.27 -19.06 10.65
C GLY B 128 -29.85 -19.45 10.31
N THR B 129 -28.84 -18.71 10.76
CA THR B 129 -27.43 -19.09 10.68
C THR B 129 -26.82 -19.18 12.07
N ALA B 130 -25.80 -20.01 12.22
CA ALA B 130 -25.03 -20.13 13.46
C ALA B 130 -23.55 -19.95 13.16
N SER B 131 -22.91 -18.99 13.82
CA SER B 131 -21.46 -18.81 13.75
C SER B 131 -20.84 -19.20 15.08
N VAL B 132 -19.84 -20.06 15.04
CA VAL B 132 -19.09 -20.47 16.21
C VAL B 132 -17.70 -19.85 16.06
N VAL B 133 -17.22 -19.21 17.12
CA VAL B 133 -15.98 -18.45 17.01
C VAL B 133 -14.95 -19.02 17.96
N CYS B 134 -13.73 -19.18 17.46
CA CYS B 134 -12.60 -19.63 18.25
C CYS B 134 -11.50 -18.56 18.22
N LEU B 135 -11.07 -18.12 19.40
CA LEU B 135 -10.05 -17.11 19.56
C LEU B 135 -8.75 -17.72 20.06
N LEU B 136 -7.66 -17.41 19.38
CA LEU B 136 -6.30 -17.74 19.80
C LEU B 136 -5.62 -16.43 20.15
N ASN B 137 -5.37 -16.20 21.43
CA ASN B 137 -4.96 -14.89 21.92
C ASN B 137 -3.47 -14.86 22.25
N ASN B 138 -2.76 -13.88 21.65
CA ASN B 138 -1.42 -13.46 22.05
C ASN B 138 -0.41 -14.61 21.99
N PHE B 139 -0.16 -15.08 20.77
CA PHE B 139 0.77 -16.17 20.56
C PHE B 139 1.90 -15.75 19.63
N TYR B 140 2.97 -16.54 19.64
CA TYR B 140 4.13 -16.31 18.79
C TYR B 140 4.91 -17.61 18.67
N PRO B 141 5.39 -17.98 17.47
CA PRO B 141 5.30 -17.21 16.23
C PRO B 141 3.91 -17.29 15.58
N ARG B 142 3.81 -16.79 14.34
CA ARG B 142 2.53 -16.56 13.68
C ARG B 142 1.85 -17.85 13.25
N GLU B 143 2.62 -18.89 12.93
CA GLU B 143 2.07 -20.12 12.39
C GLU B 143 1.27 -20.87 13.46
N ALA B 144 0.00 -21.16 13.15
CA ALA B 144 -0.89 -21.82 14.08
C ALA B 144 -1.94 -22.58 13.29
N LYS B 145 -2.38 -23.71 13.83
CA LYS B 145 -3.37 -24.56 13.18
C LYS B 145 -4.63 -24.62 14.03
N VAL B 146 -5.76 -24.36 13.38
CA VAL B 146 -7.08 -24.49 13.98
C VAL B 146 -7.82 -25.61 13.26
N GLN B 147 -8.41 -26.52 14.02
CA GLN B 147 -9.19 -27.61 13.49
C GLN B 147 -10.53 -27.62 14.22
N TRP B 148 -11.61 -27.46 13.47
CA TRP B 148 -12.96 -27.53 14.01
C TRP B 148 -13.46 -28.96 14.01
N LYS B 149 -14.15 -29.34 15.09
CA LYS B 149 -14.74 -30.66 15.21
C LYS B 149 -16.18 -30.52 15.67
N VAL B 150 -17.08 -31.23 15.00
CA VAL B 150 -18.48 -31.22 15.34
C VAL B 150 -18.84 -32.67 15.63
N ASP B 151 -19.21 -32.94 16.90
CA ASP B 151 -19.38 -34.31 17.40
C ASP B 151 -18.22 -35.19 16.97
N ASN B 152 -17.00 -34.67 17.11
CA ASN B 152 -15.76 -35.39 16.86
C ASN B 152 -15.49 -35.70 15.39
N ALA B 153 -16.26 -35.15 14.47
CA ALA B 153 -15.95 -35.29 13.06
C ALA B 153 -15.27 -34.01 12.59
N LEU B 154 -14.14 -34.16 11.90
CA LEU B 154 -13.35 -33.01 11.48
C LEU B 154 -14.05 -32.26 10.36
N GLN B 155 -14.11 -30.94 10.49
CA GLN B 155 -14.77 -30.10 9.50
C GLN B 155 -13.75 -29.60 8.50
N SER B 156 -14.23 -29.30 7.29
CA SER B 156 -13.44 -28.54 6.35
C SER B 156 -14.38 -27.81 5.41
N GLY B 157 -13.92 -26.66 4.91
CA GLY B 157 -14.63 -25.88 3.93
C GLY B 157 -15.68 -24.97 4.49
N ASN B 158 -15.90 -24.96 5.81
CA ASN B 158 -16.96 -24.17 6.40
C ASN B 158 -16.44 -23.21 7.47
N SER B 159 -15.15 -22.87 7.42
CA SER B 159 -14.57 -21.96 8.39
C SER B 159 -13.69 -20.95 7.68
N GLN B 160 -13.53 -19.79 8.30
CA GLN B 160 -12.67 -18.73 7.81
C GLN B 160 -11.88 -18.17 8.99
N GLU B 161 -10.63 -17.79 8.72
CA GLU B 161 -9.64 -17.38 9.69
C GLU B 161 -9.20 -15.96 9.40
N SER B 162 -8.71 -15.29 10.43
CA SER B 162 -8.21 -13.93 10.30
C SER B 162 -7.16 -13.73 11.39
N VAL B 163 -6.09 -13.01 11.08
CA VAL B 163 -4.96 -12.83 12.00
C VAL B 163 -4.66 -11.35 12.16
N THR B 164 -4.36 -10.93 13.38
CA THR B 164 -4.02 -9.53 13.58
C THR B 164 -2.56 -9.27 13.20
N GLU B 165 -2.25 -7.99 13.01
CA GLU B 165 -0.88 -7.58 12.89
C GLU B 165 -0.15 -7.79 14.21
N GLN B 166 1.18 -7.83 14.15
CA GLN B 166 1.96 -8.08 15.35
C GLN B 166 1.70 -6.97 16.38
N ASP B 167 1.46 -7.37 17.63
CA ASP B 167 1.12 -6.38 18.64
C ASP B 167 2.35 -5.53 18.96
N SER B 168 2.17 -4.22 19.03
CA SER B 168 3.32 -3.35 19.29
C SER B 168 3.79 -3.41 20.74
N LYS B 169 2.94 -3.86 21.66
CA LYS B 169 3.35 -3.93 23.07
C LYS B 169 4.10 -5.22 23.35
N ASP B 170 3.52 -6.38 23.00
CA ASP B 170 4.11 -7.65 23.36
C ASP B 170 4.56 -8.48 22.16
N SER B 171 4.43 -7.97 20.93
CA SER B 171 4.96 -8.62 19.72
C SER B 171 4.28 -9.97 19.42
N THR B 172 3.08 -10.21 19.93
CA THR B 172 2.35 -11.44 19.63
C THR B 172 1.31 -11.22 18.54
N TYR B 173 0.77 -12.33 18.08
CA TYR B 173 -0.33 -12.38 17.14
C TYR B 173 -1.58 -12.94 17.80
N SER B 174 -2.71 -12.63 17.22
CA SER B 174 -3.99 -13.18 17.63
C SER B 174 -4.72 -13.66 16.38
N LEU B 175 -5.54 -14.69 16.55
CA LEU B 175 -6.22 -15.30 15.43
C LEU B 175 -7.66 -15.58 15.80
N SER B 176 -8.55 -15.32 14.87
CA SER B 176 -9.98 -15.59 15.01
C SER B 176 -10.41 -16.54 13.91
N SER B 177 -11.12 -17.60 14.28
CA SER B 177 -11.65 -18.55 13.32
C SER B 177 -13.15 -18.67 13.54
N THR B 178 -13.91 -18.57 12.46
CA THR B 178 -15.37 -18.67 12.49
C THR B 178 -15.77 -19.91 11.71
N LEU B 179 -16.50 -20.80 12.38
CA LEU B 179 -17.19 -21.93 11.77
C LEU B 179 -18.65 -21.55 11.51
N THR B 180 -19.12 -21.68 10.28
CA THR B 180 -20.46 -21.26 9.92
C THR B 180 -21.31 -22.47 9.55
N LEU B 181 -22.45 -22.62 10.24
CA LEU B 181 -23.41 -23.66 9.97
C LEU B 181 -24.78 -23.02 9.76
N SER B 182 -25.64 -23.71 9.02
CA SER B 182 -27.05 -23.38 9.10
C SER B 182 -27.57 -23.68 10.49
N LYS B 183 -28.64 -22.97 10.88
CA LYS B 183 -29.32 -23.25 12.14
C LYS B 183 -29.73 -24.72 12.23
N ALA B 184 -30.23 -25.28 11.13
CA ALA B 184 -30.69 -26.68 11.13
C ALA B 184 -29.54 -27.65 11.38
N ASP B 185 -28.43 -27.46 10.65
CA ASP B 185 -27.24 -28.27 10.89
C ASP B 185 -26.73 -28.08 12.31
N TYR B 186 -26.72 -26.84 12.79
CA TYR B 186 -26.23 -26.59 14.15
C TYR B 186 -27.06 -27.33 15.19
N GLU B 187 -28.37 -27.35 15.02
CA GLU B 187 -29.25 -28.02 15.97
C GLU B 187 -29.25 -29.52 15.78
N LYS B 188 -28.67 -30.04 14.69
CA LYS B 188 -28.49 -31.48 14.60
C LYS B 188 -27.32 -32.01 15.44
N HIS B 189 -26.46 -31.16 16.03
CA HIS B 189 -25.25 -31.67 16.65
C HIS B 189 -25.07 -31.10 18.07
N LYS B 190 -24.22 -31.77 18.86
CA LYS B 190 -24.06 -31.47 20.28
C LYS B 190 -22.72 -30.84 20.64
N VAL B 191 -21.60 -31.48 20.32
CA VAL B 191 -20.28 -31.06 20.79
C VAL B 191 -19.58 -30.25 19.71
N TYR B 192 -19.31 -28.98 20.00
CA TYR B 192 -18.57 -28.10 19.10
C TYR B 192 -17.20 -27.80 19.68
N ALA B 193 -16.16 -28.05 18.90
CA ALA B 193 -14.82 -28.08 19.44
C ALA B 193 -13.86 -27.36 18.49
N CYS B 194 -12.91 -26.68 19.10
CA CYS B 194 -11.85 -25.93 18.45
C CYS B 194 -10.53 -26.51 18.95
N GLU B 195 -9.73 -27.07 18.04
CA GLU B 195 -8.47 -27.75 18.41
C GLU B 195 -7.28 -27.00 17.82
N VAL B 196 -6.31 -26.68 18.66
CA VAL B 196 -5.28 -25.70 18.35
C VAL B 196 -3.91 -26.34 18.49
N THR B 197 -3.16 -26.29 17.40
CA THR B 197 -1.78 -26.74 17.33
C THR B 197 -0.89 -25.52 17.19
N HIS B 198 0.10 -25.41 18.07
CA HIS B 198 1.03 -24.28 18.07
C HIS B 198 2.33 -24.74 18.72
N GLN B 199 3.43 -24.15 18.26
CA GLN B 199 4.75 -24.47 18.76
C GLN B 199 4.86 -24.34 20.28
N GLY B 200 4.14 -23.40 20.88
CA GLY B 200 4.22 -23.22 22.33
C GLY B 200 3.41 -24.21 23.16
N LEU B 201 2.58 -25.03 22.52
CA LEU B 201 1.77 -26.04 23.19
C LEU B 201 2.46 -27.39 23.00
N SER B 202 2.77 -28.07 24.11
CA SER B 202 3.43 -29.37 23.99
C SER B 202 2.51 -30.43 23.41
N SER B 203 1.19 -30.22 23.45
CA SER B 203 0.25 -31.05 22.72
C SER B 203 -0.94 -30.18 22.34
N PRO B 204 -1.72 -30.58 21.32
CA PRO B 204 -2.83 -29.72 20.87
C PRO B 204 -3.84 -29.47 21.98
N VAL B 205 -4.40 -28.27 21.99
CA VAL B 205 -5.34 -27.84 23.02
C VAL B 205 -6.73 -27.76 22.41
N THR B 206 -7.72 -28.34 23.10
CA THR B 206 -9.09 -28.33 22.61
C THR B 206 -9.99 -27.55 23.56
N LYS B 207 -10.77 -26.63 23.01
CA LYS B 207 -11.83 -25.94 23.72
C LYS B 207 -13.16 -26.36 23.12
N SER B 208 -14.12 -26.72 23.96
CA SER B 208 -15.37 -27.23 23.43
C SER B 208 -16.55 -26.73 24.26
N PHE B 209 -17.73 -26.87 23.67
CA PHE B 209 -18.95 -26.67 24.43
C PHE B 209 -20.01 -27.61 23.89
N ASN B 210 -21.05 -27.81 24.70
CA ASN B 210 -22.21 -28.60 24.30
C ASN B 210 -23.35 -27.65 23.97
N ARG B 211 -23.93 -27.83 22.78
CA ARG B 211 -25.05 -26.98 22.39
C ARG B 211 -26.13 -27.05 23.46
N GLY B 212 -26.39 -25.92 24.12
CA GLY B 212 -27.42 -25.86 25.13
C GLY B 212 -26.94 -26.18 26.52
N GLU B 213 -25.78 -25.63 26.93
CA GLU B 213 -25.27 -25.84 28.28
C GLU B 213 -24.44 -24.65 28.74
N THR C 3 5.34 8.91 -28.85
CA THR C 3 4.62 8.36 -27.70
C THR C 3 5.50 8.32 -26.45
N TYR C 4 6.76 8.72 -26.55
CA TYR C 4 7.59 8.86 -25.35
C TYR C 4 7.17 10.06 -24.52
N THR C 5 7.39 9.97 -23.21
CA THR C 5 7.30 11.14 -22.37
C THR C 5 8.53 12.04 -22.53
N MET C 6 8.38 13.32 -22.20
CA MET C 6 9.53 14.22 -22.16
C MET C 6 10.42 13.86 -20.97
N CYS C 7 11.72 13.71 -21.24
CA CYS C 7 12.69 13.45 -20.19
C CYS C 7 12.56 14.47 -19.06
N ASP C 8 12.71 13.98 -17.83
CA ASP C 8 12.79 14.81 -16.65
C ASP C 8 13.82 15.92 -16.83
N LYS C 9 13.34 17.17 -16.78
CA LYS C 9 14.19 18.31 -17.13
C LYS C 9 15.31 18.58 -16.12
N THR C 10 15.32 17.90 -14.97
CA THR C 10 16.28 18.20 -13.91
C THR C 10 17.50 17.29 -13.97
N LYS C 11 17.57 16.37 -14.94
CA LYS C 11 18.55 15.30 -14.84
C LYS C 11 19.56 15.28 -16.00
N PHE C 12 19.79 16.41 -16.66
CA PHE C 12 20.73 16.46 -17.77
C PHE C 12 22.05 17.09 -17.35
N THR C 13 23.14 16.58 -17.95
CA THR C 13 24.47 17.18 -17.81
C THR C 13 25.14 17.17 -19.17
N TRP C 14 26.16 18.03 -19.32
CA TRP C 14 26.87 18.09 -20.59
C TRP C 14 27.88 16.96 -20.66
N LYS C 15 27.73 16.11 -21.67
CA LYS C 15 28.85 15.25 -22.06
C LYS C 15 29.77 15.97 -23.04
N ARG C 16 29.20 16.80 -23.89
CA ARG C 16 29.93 17.70 -24.78
C ARG C 16 29.10 18.97 -24.86
N ILE C 17 29.67 20.07 -24.37
CA ILE C 17 29.01 21.37 -24.41
C ILE C 17 28.85 21.80 -25.86
N PRO C 18 27.99 22.77 -26.18
CA PRO C 18 27.78 23.16 -27.58
C PRO C 18 29.07 23.56 -28.29
N THR C 19 29.22 23.06 -29.51
CA THR C 19 30.48 23.07 -30.21
C THR C 19 30.22 23.30 -31.70
N ASP C 20 31.09 24.08 -32.34
CA ASP C 20 31.05 24.25 -33.79
C ASP C 20 31.27 22.89 -34.47
N SER C 21 30.36 22.54 -35.38
CA SER C 21 30.43 21.24 -36.02
C SER C 21 31.41 21.23 -37.19
N GLY C 22 31.80 22.39 -37.68
CA GLY C 22 32.48 22.49 -38.96
C GLY C 22 31.56 22.54 -40.15
N HIS C 23 30.26 22.30 -39.98
CA HIS C 23 29.32 22.26 -41.09
C HIS C 23 28.19 23.27 -40.91
N ASP C 24 28.52 24.40 -40.28
CA ASP C 24 27.58 25.51 -40.07
C ASP C 24 26.40 25.10 -39.20
N THR C 25 26.67 24.25 -38.20
CA THR C 25 25.69 23.86 -37.20
C THR C 25 26.38 23.78 -35.84
N VAL C 26 25.57 23.69 -34.79
CA VAL C 26 26.03 23.54 -33.42
C VAL C 26 25.67 22.13 -32.96
N VAL C 27 26.63 21.42 -32.38
CA VAL C 27 26.41 20.06 -31.90
C VAL C 27 26.74 19.98 -30.41
N MET C 28 26.12 19.01 -29.75
CA MET C 28 26.32 18.82 -28.32
C MET C 28 25.90 17.41 -27.96
N GLU C 29 26.30 16.97 -26.76
CA GLU C 29 25.83 15.70 -26.22
C GLU C 29 25.52 15.87 -24.75
N VAL C 30 24.33 15.40 -24.35
CA VAL C 30 23.93 15.40 -22.96
C VAL C 30 23.92 13.97 -22.44
N ALA C 31 24.14 13.84 -21.14
CA ALA C 31 23.89 12.63 -20.39
C ALA C 31 22.65 12.83 -19.50
N PHE C 32 21.90 11.76 -19.31
CA PHE C 32 20.61 11.81 -18.63
C PHE C 32 20.59 10.74 -17.55
N SER C 33 20.26 11.12 -16.32
CA SER C 33 20.34 10.20 -15.19
C SER C 33 18.99 9.67 -14.72
N GLY C 34 17.90 9.99 -15.42
CA GLY C 34 16.55 9.65 -15.01
C GLY C 34 15.94 8.47 -15.74
N THR C 35 14.60 8.43 -15.71
CA THR C 35 13.84 7.28 -16.15
C THR C 35 13.72 7.27 -17.67
N LYS C 36 14.04 6.13 -18.29
CA LYS C 36 14.19 6.01 -19.72
C LYS C 36 13.21 4.98 -20.29
N PRO C 37 12.90 5.05 -21.60
CA PRO C 37 13.37 6.07 -22.55
C PRO C 37 12.49 7.32 -22.57
N CYS C 38 12.96 8.39 -23.21
CA CYS C 38 12.19 9.62 -23.18
C CYS C 38 12.70 10.55 -24.27
N ARG C 39 11.89 11.55 -24.59
CA ARG C 39 12.21 12.56 -25.59
C ARG C 39 12.89 13.77 -24.93
N ILE C 40 14.00 14.21 -25.50
CA ILE C 40 14.80 15.29 -24.91
C ILE C 40 14.11 16.63 -25.15
N PRO C 41 13.83 17.40 -24.12
CA PRO C 41 13.33 18.78 -24.30
C PRO C 41 14.49 19.73 -24.55
N VAL C 42 14.56 20.28 -25.75
CA VAL C 42 15.65 21.17 -26.08
C VAL C 42 15.06 22.41 -26.73
N ARG C 43 15.56 23.57 -26.35
CA ARG C 43 15.13 24.84 -26.90
C ARG C 43 16.28 25.81 -26.80
N ALA C 44 16.10 26.97 -27.43
CA ALA C 44 17.10 28.02 -27.34
C ALA C 44 16.39 29.36 -27.39
N VAL C 45 17.03 30.37 -26.81
CA VAL C 45 16.50 31.72 -26.85
C VAL C 45 17.64 32.66 -27.19
N ALA C 46 17.29 33.79 -27.80
CA ALA C 46 18.24 34.89 -27.95
C ALA C 46 18.16 35.73 -26.69
N HIS C 47 19.31 36.16 -26.19
CA HIS C 47 19.36 36.96 -24.98
C HIS C 47 18.40 38.14 -25.09
N GLY C 48 17.60 38.35 -24.05
CA GLY C 48 16.60 39.39 -24.06
C GLY C 48 15.25 38.98 -24.61
N SER C 49 15.14 37.80 -25.22
CA SER C 49 13.90 37.34 -25.86
C SER C 49 13.56 35.96 -25.35
N PRO C 50 13.11 35.85 -24.11
CA PRO C 50 12.93 34.50 -23.50
C PRO C 50 11.74 33.71 -24.03
N ASP C 51 10.77 34.35 -24.67
CA ASP C 51 9.53 33.68 -25.08
C ASP C 51 9.57 33.08 -26.49
N VAL C 52 10.62 33.32 -27.28
CA VAL C 52 10.67 32.89 -28.66
C VAL C 52 11.78 31.86 -28.82
N ASN C 53 11.40 30.61 -29.03
CA ASN C 53 12.38 29.56 -29.30
C ASN C 53 13.11 29.85 -30.62
N VAL C 54 14.44 29.78 -30.61
CA VAL C 54 15.22 29.96 -31.83
C VAL C 54 15.99 28.73 -32.25
N ALA C 55 15.84 27.60 -31.55
CA ALA C 55 16.56 26.37 -31.87
C ALA C 55 15.94 25.72 -33.09
N MET C 56 16.66 25.69 -34.21
CA MET C 56 16.24 24.90 -35.36
C MET C 56 17.03 23.60 -35.37
N LEU C 57 16.32 22.49 -35.21
CA LEU C 57 16.93 21.19 -34.98
C LEU C 57 17.16 20.48 -36.31
N MET C 58 18.42 20.08 -36.57
CA MET C 58 18.66 19.06 -37.58
C MET C 58 18.33 17.68 -37.04
N THR C 59 18.42 17.49 -35.73
CA THR C 59 17.95 16.27 -35.10
C THR C 59 16.59 16.58 -34.47
N PRO C 60 15.49 16.41 -35.22
CA PRO C 60 14.19 16.95 -34.77
C PRO C 60 13.57 16.20 -33.59
N ASN C 61 13.92 14.94 -33.38
CA ASN C 61 13.26 14.10 -32.38
C ASN C 61 14.31 13.45 -31.48
N PRO C 62 15.11 14.25 -30.77
CA PRO C 62 16.19 13.66 -29.99
C PRO C 62 15.65 12.93 -28.77
N THR C 63 16.21 11.75 -28.50
CA THR C 63 15.72 10.90 -27.44
C THR C 63 16.89 10.36 -26.63
N ILE C 64 16.58 9.97 -25.39
CA ILE C 64 17.43 9.08 -24.62
C ILE C 64 16.76 7.71 -24.67
N GLU C 65 17.38 6.78 -25.38
CA GLU C 65 16.91 5.40 -25.38
C GLU C 65 17.44 4.67 -24.15
N ASN C 66 16.93 3.46 -23.95
CA ASN C 66 17.38 2.67 -22.81
C ASN C 66 18.89 2.40 -22.86
N ASN C 67 19.47 2.38 -24.05
CA ASN C 67 20.93 2.34 -24.23
C ASN C 67 21.26 3.19 -25.46
N GLY C 68 21.44 4.50 -25.25
CA GLY C 68 21.84 5.36 -26.35
C GLY C 68 21.09 6.67 -26.40
N GLY C 69 21.55 7.62 -27.22
CA GLY C 69 20.95 8.93 -27.34
C GLY C 69 21.71 10.00 -26.57
N GLY C 70 21.40 11.25 -26.87
CA GLY C 70 22.08 12.36 -26.25
C GLY C 70 22.68 13.37 -27.23
N PHE C 71 22.84 12.99 -28.50
CA PHE C 71 23.40 13.89 -29.50
C PHE C 71 22.33 14.84 -30.04
N ILE C 72 22.66 16.13 -30.09
CA ILE C 72 21.75 17.15 -30.61
C ILE C 72 22.52 18.05 -31.58
N GLU C 73 21.93 18.30 -32.74
CA GLU C 73 22.49 19.23 -33.73
C GLU C 73 21.42 20.27 -34.08
N MET C 74 21.83 21.54 -34.09
CA MET C 74 20.88 22.63 -34.29
C MET C 74 21.54 23.77 -35.04
N GLN C 75 20.72 24.63 -35.62
CA GLN C 75 21.20 25.92 -36.11
C GLN C 75 20.56 27.05 -35.33
N LEU C 76 21.36 28.08 -35.05
CA LEU C 76 20.98 29.19 -34.21
C LEU C 76 21.15 30.50 -34.98
N PRO C 77 20.38 31.53 -34.64
CA PRO C 77 20.49 32.83 -35.33
C PRO C 77 21.65 33.64 -34.76
N PRO C 78 22.19 34.59 -35.52
CA PRO C 78 23.39 35.32 -35.07
C PRO C 78 23.15 36.06 -33.77
N GLY C 79 24.20 36.17 -32.95
CA GLY C 79 24.14 36.90 -31.71
C GLY C 79 24.26 35.98 -30.50
N ASP C 80 23.96 36.55 -29.33
CA ASP C 80 24.02 35.83 -28.06
C ASP C 80 22.77 34.98 -27.90
N ASN C 81 22.96 33.69 -27.70
CA ASN C 81 21.88 32.74 -27.50
C ASN C 81 22.15 31.94 -26.24
N ILE C 82 21.09 31.39 -25.66
CA ILE C 82 21.15 30.42 -24.58
C ILE C 82 20.50 29.14 -25.08
N ILE C 83 21.21 28.02 -24.96
CA ILE C 83 20.68 26.70 -25.26
C ILE C 83 20.25 26.05 -23.95
N TYR C 84 19.03 25.49 -23.92
CA TYR C 84 18.49 24.76 -22.78
C TYR C 84 18.13 23.33 -23.20
N VAL C 85 18.71 22.36 -22.52
CA VAL C 85 18.25 20.98 -22.54
C VAL C 85 17.67 20.72 -21.15
N GLY C 86 16.35 20.76 -21.04
CA GLY C 86 15.72 20.81 -19.73
C GLY C 86 16.14 22.07 -18.98
N GLU C 87 16.44 21.92 -17.70
CA GLU C 87 17.03 23.02 -16.94
C GLU C 87 18.51 23.24 -17.25
N LEU C 88 19.14 22.37 -18.03
CA LEU C 88 20.58 22.51 -18.30
C LEU C 88 20.79 23.57 -19.38
N SER C 89 21.72 24.49 -19.14
CA SER C 89 21.91 25.57 -20.09
C SER C 89 23.38 25.71 -20.47
N HIS C 90 23.58 26.41 -21.58
CA HIS C 90 24.90 26.86 -22.00
C HIS C 90 24.72 28.01 -22.98
N GLN C 91 25.57 29.02 -22.86
CA GLN C 91 25.57 30.12 -23.82
C GLN C 91 26.18 29.68 -25.16
N TRP C 92 25.70 30.32 -26.24
CA TRP C 92 26.25 30.13 -27.57
C TRP C 92 26.23 31.46 -28.31
N PHE C 93 27.40 31.97 -28.68
CA PHE C 93 27.47 33.13 -29.55
C PHE C 93 27.57 32.66 -30.99
N GLN C 94 26.60 33.02 -31.82
CA GLN C 94 26.56 32.59 -33.21
C GLN C 94 27.03 33.72 -34.13
N LYS C 95 28.05 33.44 -34.95
CA LYS C 95 28.51 34.37 -35.98
C LYS C 95 27.40 34.75 -36.95
C1 GOL D . -13.20 -14.58 12.29
O1 GOL D . -12.97 -15.69 11.54
C2 GOL D . -12.96 -13.43 11.33
O2 GOL D . -14.11 -13.15 10.58
C3 GOL D . -12.56 -12.28 12.24
O3 GOL D . -12.55 -11.17 11.42
#